data_9VWT
#
_entry.id   9VWT
#
_cell.length_a   91.037
_cell.length_b   91.037
_cell.length_c   57.480
_cell.angle_alpha   90.00
_cell.angle_beta   90.00
_cell.angle_gamma   120.00
#
_symmetry.space_group_name_H-M   'P 65'
#
loop_
_entity.id
_entity.type
_entity.pdbx_description
1 polymer 'Plasma kallikrein light chain'
2 polymer 'peptide inhibitor'
3 water water
#
loop_
_entity_poly.entity_id
_entity_poly.type
_entity_poly.pdbx_seq_one_letter_code
_entity_poly.pdbx_strand_id
1 'polypeptide(L)'
;IVGGTNSSWGEWPWQVSLQVKLTAQRHLCGGSLIGHQWVLTAAHCFDGLPLQDVWRIYSGILNLSDITKDTPFSQIKEII
IHQNYKVSEGNHDIALIKLQAPLNYTEFQKPISLPSKGDTSTIYTNCWVTGWGFSKEKGEIQNILQKVNIPLVTNEECQK
RYQDYKITQRMVCAGYKEGGKDACKGDSGGPLVCKHNGMWRLVGITSWGEGCARREQPGVYTKVAEYMDWILEKTQS
;
A
2 'polypeptide(L)' CPAYS(M70)YLDC B
#
# COMPACT_ATOMS: atom_id res chain seq x y z
N ILE A 1 -0.33 10.39 -3.77
CA ILE A 1 0.74 10.27 -4.80
C ILE A 1 1.17 11.67 -5.25
N VAL A 2 2.47 11.96 -5.23
CA VAL A 2 3.00 13.21 -5.73
C VAL A 2 3.57 12.98 -7.12
N GLY A 3 3.25 13.88 -8.08
CA GLY A 3 3.86 13.86 -9.39
C GLY A 3 3.27 12.83 -10.34
N GLY A 4 2.11 12.29 -9.95
CA GLY A 4 1.44 11.24 -10.68
C GLY A 4 0.38 11.78 -11.64
N THR A 5 -0.38 10.85 -12.20
CA THR A 5 -1.45 11.22 -13.10
C THR A 5 -2.66 10.37 -12.79
N ASN A 6 -3.78 10.78 -13.40
CA ASN A 6 -5.04 10.07 -13.15
C ASN A 6 -5.06 8.71 -13.84
N SER A 7 -5.52 7.67 -13.14
CA SER A 7 -5.61 6.30 -13.66
C SER A 7 -6.93 6.15 -14.41
N SER A 8 -6.94 5.20 -15.36
CA SER A 8 -8.19 4.80 -16.02
C SER A 8 -8.69 3.44 -15.51
N TRP A 9 -9.94 3.10 -15.85
CA TRP A 9 -10.57 1.87 -15.38
C TRP A 9 -9.79 0.64 -15.82
N GLY A 10 -9.51 -0.23 -14.87
CA GLY A 10 -8.93 -1.53 -15.21
C GLY A 10 -7.42 -1.58 -15.18
N GLU A 11 -6.75 -0.44 -14.97
CA GLU A 11 -5.31 -0.39 -14.89
C GLU A 11 -4.85 -1.12 -13.63
N TRP A 12 -5.52 -0.87 -12.50
CA TRP A 12 -5.08 -1.34 -11.20
C TRP A 12 -6.21 -2.05 -10.46
N PRO A 13 -6.72 -3.20 -10.97
CA PRO A 13 -7.97 -3.79 -10.47
C PRO A 13 -7.88 -4.43 -9.08
N TRP A 14 -6.66 -4.51 -8.55
CA TRP A 14 -6.41 -5.02 -7.21
C TRP A 14 -6.48 -3.90 -6.16
N GLN A 15 -6.49 -2.62 -6.59
CA GLN A 15 -6.39 -1.53 -5.62
C GLN A 15 -7.69 -1.42 -4.85
N VAL A 16 -7.60 -1.37 -3.50
CA VAL A 16 -8.78 -1.14 -2.66
C VAL A 16 -8.55 0.10 -1.80
N SER A 17 -9.67 0.67 -1.33
CA SER A 17 -9.65 1.77 -0.35
C SER A 17 -10.21 1.25 0.99
N LEU A 18 -9.41 1.37 2.04
CA LEU A 18 -9.77 1.00 3.40
C LEU A 18 -10.27 2.28 4.08
N GLN A 19 -11.56 2.25 4.40
CA GLN A 19 -12.19 3.46 4.96
C GLN A 19 -12.70 3.17 6.38
N VAL A 20 -12.75 4.23 7.19
CA VAL A 20 -13.32 4.08 8.55
C VAL A 20 -14.62 4.88 8.60
N LYS A 21 -15.63 4.28 9.21
CA LYS A 21 -16.88 5.02 9.41
C LYS A 21 -17.11 5.16 10.92
N LEU A 22 -16.94 6.36 11.43
CA LEU A 22 -17.27 6.62 12.85
C LEU A 22 -18.49 7.55 12.80
N THR A 23 -18.30 8.85 12.96
CA THR A 23 -19.45 9.78 12.77
C THR A 23 -19.47 10.18 11.32
N ALA A 24 -18.30 10.14 10.69
CA ALA A 24 -18.20 10.40 9.25
C ALA A 24 -17.38 9.26 8.64
N GLN A 25 -17.42 9.13 7.31
CA GLN A 25 -16.65 8.07 6.61
C GLN A 25 -15.48 8.72 5.89
N ARG A 26 -14.33 8.08 6.00
CA ARG A 26 -13.13 8.64 5.37
C ARG A 26 -12.15 7.57 4.91
N HIS A 27 -11.54 7.81 3.77
CA HIS A 27 -10.45 6.92 3.31
C HIS A 27 -9.27 7.08 4.26
N LEU A 28 -8.68 5.98 4.71
CA LEU A 28 -7.49 6.06 5.58
C LEU A 28 -6.27 5.41 4.92
N CYS A 29 -6.49 4.32 4.19
CA CYS A 29 -5.33 3.58 3.65
C CYS A 29 -5.68 2.84 2.36
N GLY A 30 -4.64 2.48 1.63
CA GLY A 30 -4.85 1.63 0.47
C GLY A 30 -4.59 0.18 0.83
N GLY A 31 -4.81 -0.70 -0.12
CA GLY A 31 -4.54 -2.13 0.03
C GLY A 31 -4.65 -2.81 -1.32
N SER A 32 -4.27 -4.07 -1.36
CA SER A 32 -4.26 -4.87 -2.56
C SER A 32 -5.04 -6.16 -2.37
N LEU A 33 -5.99 -6.39 -3.25
CA LEU A 33 -6.68 -7.68 -3.28
C LEU A 33 -5.69 -8.76 -3.72
N ILE A 34 -5.55 -9.82 -2.94
CA ILE A 34 -4.64 -10.94 -3.34
C ILE A 34 -5.42 -12.25 -3.50
N GLY A 35 -6.65 -12.27 -3.03
CA GLY A 35 -7.52 -13.45 -3.17
C GLY A 35 -8.98 -13.03 -3.04
N HIS A 36 -9.90 -13.95 -3.29
CA HIS A 36 -11.35 -13.66 -3.23
C HIS A 36 -11.74 -13.06 -1.87
N GLN A 37 -11.05 -13.48 -0.82
CA GLN A 37 -11.40 -13.00 0.53
C GLN A 37 -10.18 -12.43 1.28
N TRP A 38 -9.15 -11.97 0.55
CA TRP A 38 -7.91 -11.52 1.22
C TRP A 38 -7.38 -10.18 0.69
N VAL A 39 -7.06 -9.27 1.61
CA VAL A 39 -6.49 -7.95 1.22
C VAL A 39 -5.18 -7.75 1.98
N LEU A 40 -4.08 -7.45 1.27
CA LEU A 40 -2.81 -7.21 1.93
C LEU A 40 -2.57 -5.70 2.04
N THR A 41 -2.18 -5.23 3.22
CA THR A 41 -2.01 -3.82 3.49
C THR A 41 -0.89 -3.68 4.53
N ALA A 42 -0.77 -2.47 5.07
CA ALA A 42 0.27 -2.17 6.07
C ALA A 42 -0.32 -2.34 7.46
N ALA A 43 0.44 -2.94 8.37
CA ALA A 43 0.09 -2.97 9.79
C ALA A 43 -0.24 -1.61 10.39
N HIS A 44 0.51 -0.59 9.99
CA HIS A 44 0.29 0.74 10.55
C HIS A 44 -1.08 1.34 10.27
N CYS A 45 -1.81 0.81 9.26
CA CYS A 45 -3.17 1.27 9.00
C CYS A 45 -4.11 0.96 10.16
N PHE A 46 -3.77 -0.05 10.96
CA PHE A 46 -4.64 -0.50 12.09
C PHE A 46 -4.12 0.03 13.43
N ASP A 47 -3.06 0.83 13.39
CA ASP A 47 -2.61 1.49 14.65
C ASP A 47 -3.67 2.51 15.03
N GLY A 48 -4.37 2.27 16.14
CA GLY A 48 -5.47 3.17 16.55
C GLY A 48 -6.83 2.54 16.38
N LEU A 49 -7.08 1.89 15.24
CA LEU A 49 -8.41 1.29 14.97
C LEU A 49 -8.24 -0.22 14.67
N PRO A 50 -7.85 -1.05 15.65
CA PRO A 50 -7.53 -2.48 15.42
C PRO A 50 -8.75 -3.38 15.42
N LEU A 51 -9.91 -2.83 15.76
CA LEU A 51 -11.17 -3.61 15.79
C LEU A 51 -11.82 -3.55 14.40
N GLN A 52 -12.44 -4.65 13.97
CA GLN A 52 -12.94 -4.75 12.59
C GLN A 52 -14.23 -3.96 12.32
N ASP A 53 -15.01 -3.64 13.34
CA ASP A 53 -16.36 -3.04 13.14
C ASP A 53 -16.40 -1.72 12.37
N VAL A 54 -15.39 -0.86 12.50
CA VAL A 54 -15.45 0.49 11.87
C VAL A 54 -14.98 0.50 10.41
N TRP A 55 -14.50 -0.64 9.90
CA TRP A 55 -13.88 -0.64 8.57
C TRP A 55 -14.84 -0.97 7.44
N ARG A 56 -14.69 -0.26 6.32
CA ARG A 56 -15.38 -0.60 5.09
C ARG A 56 -14.34 -0.62 3.98
N ILE A 57 -14.34 -1.70 3.19
CA ILE A 57 -13.35 -1.85 2.14
C ILE A 57 -14.02 -1.72 0.78
N TYR A 58 -13.56 -0.73 -0.02
CA TYR A 58 -14.15 -0.53 -1.33
C TYR A 58 -13.18 -1.07 -2.38
N SER A 59 -13.73 -1.88 -3.29
CA SER A 59 -13.02 -2.43 -4.43
C SER A 59 -13.83 -2.09 -5.67
N GLY A 60 -13.18 -2.19 -6.83
CA GLY A 60 -13.84 -1.88 -8.09
C GLY A 60 -14.25 -0.41 -8.15
N ILE A 61 -13.49 0.45 -7.47
CA ILE A 61 -13.76 1.88 -7.51
C ILE A 61 -12.51 2.64 -7.97
N LEU A 62 -12.70 3.64 -8.84
CA LEU A 62 -11.62 4.42 -9.39
C LEU A 62 -11.58 5.81 -8.74
N ASN A 63 -12.78 6.34 -8.48
CA ASN A 63 -12.97 7.71 -8.06
C ASN A 63 -13.72 7.72 -6.74
N LEU A 64 -13.06 8.12 -5.64
CA LEU A 64 -13.68 8.08 -4.33
C LEU A 64 -14.95 8.93 -4.30
N SER A 65 -15.01 9.96 -5.12
CA SER A 65 -16.19 10.86 -5.09
C SER A 65 -17.40 10.14 -5.72
N ASP A 66 -17.16 9.02 -6.38
CA ASP A 66 -18.26 8.25 -7.02
C ASP A 66 -18.95 7.39 -5.96
N ILE A 67 -18.40 7.34 -4.75
CA ILE A 67 -18.96 6.49 -3.68
C ILE A 67 -20.21 7.15 -3.08
N THR A 68 -21.29 6.40 -2.99
CA THR A 68 -22.52 6.87 -2.38
C THR A 68 -22.99 5.82 -1.40
N LYS A 69 -24.13 6.08 -0.74
CA LYS A 69 -24.61 5.20 0.33
C LYS A 69 -25.01 3.84 -0.21
N ASP A 70 -25.25 3.74 -1.53
CA ASP A 70 -25.60 2.48 -2.19
C ASP A 70 -24.41 1.74 -2.79
N THR A 71 -23.22 2.32 -2.74
CA THR A 71 -22.06 1.60 -3.27
C THR A 71 -21.78 0.38 -2.39
N PRO A 72 -21.63 -0.84 -2.97
CA PRO A 72 -21.25 -2.01 -2.18
C PRO A 72 -19.85 -1.87 -1.57
N PHE A 73 -19.67 -2.51 -0.42
CA PHE A 73 -18.37 -2.57 0.23
C PHE A 73 -18.24 -3.90 0.97
N SER A 74 -17.00 -4.27 1.23
CA SER A 74 -16.66 -5.43 2.04
C SER A 74 -16.44 -5.02 3.50
N GLN A 75 -16.73 -5.95 4.39
CA GLN A 75 -16.50 -5.86 5.82
C GLN A 75 -15.36 -6.80 6.18
N ILE A 76 -14.74 -6.56 7.33
CA ILE A 76 -13.61 -7.35 7.77
C ILE A 76 -14.09 -8.45 8.70
N LYS A 77 -13.70 -9.69 8.39
CA LYS A 77 -13.86 -10.83 9.29
C LYS A 77 -12.69 -10.98 10.26
N GLU A 78 -11.45 -10.72 9.80
CA GLU A 78 -10.26 -10.87 10.62
C GLU A 78 -9.16 -9.94 10.14
N ILE A 79 -8.43 -9.39 11.08
CA ILE A 79 -7.23 -8.58 10.87
C ILE A 79 -6.06 -9.33 11.44
N ILE A 80 -5.13 -9.66 10.57
CA ILE A 80 -3.95 -10.39 10.98
C ILE A 80 -2.76 -9.46 10.81
N ILE A 81 -2.22 -9.01 11.93
CA ILE A 81 -1.01 -8.15 11.89
C ILE A 81 0.23 -9.00 12.17
N HIS A 82 1.35 -8.70 11.51
CA HIS A 82 2.60 -9.45 11.79
C HIS A 82 2.90 -9.39 13.28
N GLN A 83 3.26 -10.53 13.83
CA GLN A 83 3.54 -10.64 15.29
C GLN A 83 4.69 -9.72 15.70
N ASN A 84 5.63 -9.51 14.85
CA ASN A 84 6.84 -8.76 15.23
C ASN A 84 6.75 -7.28 14.81
N TYR A 85 5.58 -6.84 14.39
CA TYR A 85 5.41 -5.42 13.96
C TYR A 85 5.77 -4.47 15.10
N LYS A 86 6.62 -3.50 14.80
CA LYS A 86 6.99 -2.47 15.80
C LYS A 86 6.70 -1.08 15.20
N VAL A 87 5.81 -0.33 15.84
CA VAL A 87 5.35 0.98 15.28
C VAL A 87 6.50 1.97 15.09
N SER A 88 7.40 2.06 16.05
CA SER A 88 8.36 3.16 16.05
C SER A 88 9.39 3.03 14.93
N GLU A 89 9.79 1.83 14.60
CA GLU A 89 10.83 1.59 13.58
C GLU A 89 10.24 1.11 12.23
N GLY A 90 8.96 0.75 12.21
CA GLY A 90 8.31 0.32 10.96
C GLY A 90 8.76 -1.06 10.49
N ASN A 91 9.31 -1.88 11.40
CA ASN A 91 9.68 -3.26 10.99
C ASN A 91 8.44 -4.14 10.85
N HIS A 92 8.46 -5.03 9.86
CA HIS A 92 7.33 -5.99 9.66
C HIS A 92 6.00 -5.23 9.53
N ASP A 93 6.02 -4.18 8.72
CA ASP A 93 4.82 -3.37 8.52
C ASP A 93 3.95 -4.07 7.48
N ILE A 94 3.19 -5.08 7.91
CA ILE A 94 2.37 -5.83 6.97
C ILE A 94 1.19 -6.42 7.74
N ALA A 95 0.06 -6.44 7.07
CA ALA A 95 -1.14 -7.02 7.63
C ALA A 95 -1.98 -7.67 6.54
N LEU A 96 -2.66 -8.74 6.93
CA LEU A 96 -3.71 -9.34 6.13
C LEU A 96 -5.09 -9.04 6.66
N ILE A 97 -6.03 -8.87 5.72
CA ILE A 97 -7.42 -8.69 6.01
C ILE A 97 -8.24 -9.80 5.36
N LYS A 98 -8.96 -10.58 6.18
CA LYS A 98 -9.92 -11.53 5.69
C LYS A 98 -11.26 -10.81 5.59
N LEU A 99 -11.86 -10.87 4.41
CA LEU A 99 -13.17 -10.27 4.15
C LEU A 99 -14.27 -11.22 4.64
N GLN A 100 -15.38 -10.64 5.04
CA GLN A 100 -16.53 -11.41 5.52
C GLN A 100 -17.18 -12.26 4.43
N ALA A 101 -17.15 -11.80 3.17
CA ALA A 101 -17.69 -12.54 2.04
C ALA A 101 -16.70 -12.46 0.88
N PRO A 102 -16.52 -13.55 0.13
CA PRO A 102 -15.65 -13.54 -1.04
C PRO A 102 -16.17 -12.65 -2.15
N LEU A 103 -15.25 -11.93 -2.82
CA LEU A 103 -15.61 -11.09 -3.95
C LEU A 103 -15.56 -11.88 -5.24
N ASN A 104 -16.48 -11.56 -6.17
CA ASN A 104 -16.41 -12.07 -7.53
C ASN A 104 -15.32 -11.31 -8.24
N TYR A 105 -14.63 -11.97 -9.15
CA TYR A 105 -13.56 -11.27 -9.90
C TYR A 105 -14.13 -10.62 -11.16
N THR A 106 -13.71 -9.40 -11.43
CA THR A 106 -14.12 -8.69 -12.63
C THR A 106 -12.90 -8.02 -13.22
N GLU A 107 -13.05 -7.40 -14.37
CA GLU A 107 -11.93 -6.62 -14.96
C GLU A 107 -11.53 -5.47 -14.02
N PHE A 108 -12.42 -5.09 -13.10
CA PHE A 108 -12.12 -3.94 -12.21
C PHE A 108 -11.94 -4.39 -10.76
N GLN A 109 -11.90 -5.70 -10.52
CA GLN A 109 -11.83 -6.21 -9.18
C GLN A 109 -11.23 -7.61 -9.28
N LYS A 110 -9.92 -7.67 -9.19
CA LYS A 110 -9.23 -8.94 -9.35
C LYS A 110 -7.89 -8.86 -8.64
N PRO A 111 -7.29 -10.01 -8.28
CA PRO A 111 -6.08 -10.03 -7.46
C PRO A 111 -4.80 -9.72 -8.22
N ILE A 112 -3.86 -9.17 -7.48
CA ILE A 112 -2.53 -8.94 -8.01
C ILE A 112 -1.75 -10.24 -7.79
N SER A 113 -0.88 -10.57 -8.72
CA SER A 113 0.04 -11.68 -8.52
C SER A 113 1.08 -11.34 -7.48
N LEU A 114 1.32 -12.28 -6.56
CA LEU A 114 2.35 -12.07 -5.51
C LEU A 114 3.68 -12.61 -6.03
N PRO A 115 4.84 -12.15 -5.49
CA PRO A 115 6.16 -12.59 -5.96
C PRO A 115 6.49 -13.95 -5.40
N SER A 116 7.56 -14.55 -5.93
CA SER A 116 8.03 -15.84 -5.35
C SER A 116 9.01 -15.52 -4.20
N LYS A 117 9.09 -16.40 -3.20
CA LYS A 117 10.00 -16.18 -2.06
C LYS A 117 11.41 -15.84 -2.57
N GLY A 118 11.79 -16.35 -3.74
CA GLY A 118 13.15 -16.11 -4.26
C GLY A 118 13.28 -14.76 -4.92
N ASP A 119 12.17 -14.04 -5.12
CA ASP A 119 12.22 -12.74 -5.84
C ASP A 119 13.00 -11.70 -5.02
N THR A 120 13.51 -12.09 -3.86
CA THR A 120 14.23 -11.10 -3.01
C THR A 120 15.35 -10.51 -3.80
N SER A 121 15.90 -11.24 -4.76
CA SER A 121 17.08 -10.74 -5.52
C SER A 121 16.66 -10.19 -6.88
N THR A 122 15.40 -10.40 -7.26
CA THR A 122 14.99 -10.03 -8.62
C THR A 122 15.12 -8.54 -8.85
N ILE A 123 15.56 -8.16 -10.04
CA ILE A 123 15.63 -6.73 -10.42
C ILE A 123 14.36 -6.42 -11.22
N TYR A 124 13.54 -5.47 -10.74
CA TYR A 124 12.36 -5.05 -11.47
C TYR A 124 12.63 -3.64 -12.01
N THR A 125 12.29 -3.39 -13.27
CA THR A 125 12.72 -2.15 -13.92
C THR A 125 11.58 -1.16 -14.16
N ASN A 126 10.33 -1.63 -14.02
CA ASN A 126 9.16 -0.88 -14.42
C ASN A 126 8.11 -0.94 -13.30
N CYS A 127 8.31 -0.09 -12.28
CA CYS A 127 7.47 -0.14 -11.07
C CYS A 127 6.60 1.10 -10.90
N TRP A 128 5.44 0.87 -10.31
CA TRP A 128 4.44 1.94 -10.17
C TRP A 128 3.84 1.87 -8.78
N VAL A 129 3.49 3.05 -8.26
CA VAL A 129 2.81 3.13 -6.97
C VAL A 129 1.53 3.92 -7.20
N THR A 130 0.44 3.44 -6.58
CA THR A 130 -0.90 3.96 -6.75
C THR A 130 -1.55 4.28 -5.42
N GLY A 131 -2.45 5.25 -5.49
CA GLY A 131 -3.31 5.53 -4.38
C GLY A 131 -4.01 6.88 -4.47
N TRP A 132 -4.76 7.15 -3.40
CA TRP A 132 -5.61 8.34 -3.29
C TRP A 132 -5.03 9.35 -2.31
N GLY A 133 -3.78 9.16 -1.95
CA GLY A 133 -3.18 10.04 -0.95
C GLY A 133 -2.89 11.45 -1.44
N PHE A 134 -2.27 12.23 -0.56
CA PHE A 134 -1.95 13.64 -0.90
C PHE A 134 -1.10 13.76 -2.15
N SER A 135 -1.35 14.82 -2.91
CA SER A 135 -0.60 15.12 -4.15
C SER A 135 0.60 16.02 -3.81
N LYS A 136 0.71 16.48 -2.57
CA LYS A 136 1.88 17.20 -2.07
C LYS A 136 1.87 17.13 -0.55
N GLU A 137 3.02 17.43 0.07
CA GLU A 137 3.04 17.58 1.50
C GLU A 137 2.04 18.67 1.90
N LYS A 138 1.30 18.39 2.96
CA LYS A 138 0.26 19.26 3.47
C LYS A 138 -0.84 19.43 2.42
N GLY A 139 -1.14 18.35 1.69
CA GLY A 139 -2.19 18.42 0.70
C GLY A 139 -3.47 17.75 1.20
N GLU A 140 -4.21 17.14 0.25
CA GLU A 140 -5.52 16.57 0.49
C GLU A 140 -5.65 15.23 -0.25
N ILE A 141 -6.52 14.34 0.23
CA ILE A 141 -6.91 13.14 -0.50
C ILE A 141 -7.38 13.50 -1.90
N GLN A 142 -6.98 12.67 -2.87
CA GLN A 142 -7.31 12.85 -4.27
C GLN A 142 -8.50 11.95 -4.62
N ASN A 143 -9.40 12.44 -5.47
CA ASN A 143 -10.57 11.69 -5.90
C ASN A 143 -10.21 10.51 -6.82
N ILE A 144 -9.51 10.79 -7.92
CA ILE A 144 -9.20 9.74 -8.91
C ILE A 144 -7.92 9.04 -8.46
N LEU A 145 -7.93 7.71 -8.47
CA LEU A 145 -6.72 6.97 -8.19
C LEU A 145 -5.55 7.45 -9.03
N GLN A 146 -4.45 7.85 -8.35
CA GLN A 146 -3.26 8.37 -8.96
C GLN A 146 -2.24 7.25 -9.15
N LYS A 147 -1.47 7.36 -10.21
CA LYS A 147 -0.37 6.45 -10.48
C LYS A 147 0.90 7.24 -10.74
N VAL A 148 2.02 6.64 -10.32
CA VAL A 148 3.34 7.26 -10.62
C VAL A 148 4.38 6.14 -10.88
N ASN A 149 5.25 6.36 -11.85
CA ASN A 149 6.35 5.43 -12.19
C ASN A 149 7.58 5.85 -11.40
N ILE A 150 8.14 4.94 -10.63
CA ILE A 150 9.28 5.30 -9.75
C ILE A 150 10.34 4.20 -9.85
N PRO A 151 11.63 4.55 -9.89
CA PRO A 151 12.66 3.51 -9.86
C PRO A 151 12.89 2.98 -8.47
N LEU A 152 13.18 1.68 -8.38
CA LEU A 152 13.69 1.12 -7.14
C LEU A 152 15.12 1.58 -6.89
N VAL A 153 15.46 1.74 -5.61
CA VAL A 153 16.78 2.18 -5.20
C VAL A 153 17.42 1.06 -4.36
N THR A 154 18.74 0.98 -4.39
CA THR A 154 19.45 -0.04 -3.59
C THR A 154 19.28 0.23 -2.09
N ASN A 155 19.29 -0.82 -1.28
CA ASN A 155 19.27 -0.68 0.20
C ASN A 155 20.42 0.24 0.64
N GLU A 156 21.57 0.11 -0.01
CA GLU A 156 22.76 0.91 0.37
C GLU A 156 22.48 2.40 0.19
N GLU A 157 21.92 2.78 -0.97
CA GLU A 157 21.58 4.20 -1.22
C GLU A 157 20.47 4.67 -0.27
N CYS A 158 19.48 3.82 -0.02
CA CYS A 158 18.35 4.21 0.84
C CYS A 158 18.87 4.45 2.27
N GLN A 159 19.76 3.57 2.74
CA GLN A 159 20.24 3.68 4.11
C GLN A 159 20.95 5.01 4.36
N LYS A 160 21.67 5.51 3.36
CA LYS A 160 22.35 6.78 3.49
C LYS A 160 21.43 7.94 3.81
N ARG A 161 20.15 7.89 3.37
CA ARG A 161 19.23 9.01 3.50
C ARG A 161 18.46 8.87 4.81
N TYR A 162 18.65 7.75 5.49
CA TYR A 162 17.90 7.49 6.75
C TYR A 162 18.90 7.01 7.81
N GLN A 163 19.79 7.90 8.23
CA GLN A 163 20.80 7.52 9.23
C GLN A 163 20.11 7.37 10.59
N ASP A 164 18.91 7.96 10.76
CA ASP A 164 18.15 7.87 12.04
C ASP A 164 17.36 6.56 12.12
N TYR A 165 17.31 5.75 11.06
CA TYR A 165 16.57 4.45 11.09
C TYR A 165 17.25 3.39 10.25
N LYS A 166 17.10 2.14 10.65
CA LYS A 166 17.70 1.03 9.93
C LYS A 166 16.81 0.67 8.74
N ILE A 167 17.41 0.51 7.55
CA ILE A 167 16.74 -0.02 6.37
C ILE A 167 17.14 -1.48 6.19
N THR A 168 16.19 -2.42 6.42
CA THR A 168 16.48 -3.85 6.41
C THR A 168 16.26 -4.47 5.03
N GLN A 169 16.69 -5.74 4.90
CA GLN A 169 16.53 -6.49 3.66
C GLN A 169 15.06 -6.88 3.46
N ARG A 170 14.22 -6.59 4.46
CA ARG A 170 12.80 -6.85 4.40
C ARG A 170 12.04 -5.60 3.93
N MET A 171 12.79 -4.58 3.51
CA MET A 171 12.25 -3.30 3.06
C MET A 171 12.82 -3.09 1.66
N VAL A 172 12.10 -2.33 0.82
CA VAL A 172 12.59 -1.93 -0.48
C VAL A 172 12.26 -0.46 -0.60
N CYS A 173 13.18 0.30 -1.22
CA CYS A 173 13.06 1.74 -1.37
C CYS A 173 12.85 2.11 -2.82
N ALA A 174 12.22 3.28 -3.05
CA ALA A 174 12.00 3.73 -4.40
C ALA A 174 11.87 5.24 -4.41
N GLY A 175 12.46 5.87 -5.43
CA GLY A 175 12.38 7.31 -5.54
C GLY A 175 13.47 7.87 -6.45
N TYR A 176 13.27 9.13 -6.81
CA TYR A 176 14.19 9.84 -7.69
C TYR A 176 15.16 10.64 -6.82
N LYS A 177 16.40 10.74 -7.25
CA LYS A 177 17.36 11.59 -6.51
C LYS A 177 16.87 13.03 -6.45
N GLU A 178 16.26 13.54 -7.53
CA GLU A 178 15.81 14.93 -7.58
C GLU A 178 14.39 15.06 -7.02
N GLY A 179 13.86 13.98 -6.47
CA GLY A 179 12.51 13.98 -5.90
C GLY A 179 11.41 14.20 -6.93
N GLY A 180 10.22 14.64 -6.47
CA GLY A 180 9.16 15.11 -7.35
C GLY A 180 8.06 14.06 -7.60
N LYS A 181 8.41 12.79 -7.38
CA LYS A 181 7.47 11.66 -7.60
C LYS A 181 7.60 10.69 -6.43
N ASP A 182 6.49 10.42 -5.76
CA ASP A 182 6.55 9.60 -4.54
C ASP A 182 5.15 9.31 -4.01
N ALA A 183 5.06 8.38 -3.09
CA ALA A 183 3.80 8.16 -2.37
C ALA A 183 3.72 9.28 -1.32
N CYS A 184 2.58 9.38 -0.66
CA CYS A 184 2.44 10.39 0.42
C CYS A 184 1.36 9.95 1.42
N LYS A 185 0.99 10.85 2.31
CA LYS A 185 -0.04 10.53 3.33
C LYS A 185 -1.31 10.01 2.65
N GLY A 186 -1.87 8.95 3.22
CA GLY A 186 -3.07 8.37 2.64
C GLY A 186 -2.81 7.30 1.56
N ASP A 187 -1.58 7.11 1.18
CA ASP A 187 -1.20 6.03 0.23
C ASP A 187 -0.79 4.80 1.03
N SER A 188 -0.58 4.97 2.32
CA SER A 188 -0.19 3.88 3.23
C SER A 188 -0.87 2.56 2.87
N GLY A 189 -0.11 1.46 2.87
CA GLY A 189 -0.71 0.14 2.68
C GLY A 189 -0.90 -0.23 1.22
N GLY A 190 -0.96 0.78 0.34
CA GLY A 190 -1.20 0.56 -1.09
C GLY A 190 -0.05 -0.17 -1.73
N PRO A 191 -0.21 -0.52 -3.01
CA PRO A 191 0.81 -1.34 -3.67
C PRO A 191 1.90 -0.65 -4.46
N LEU A 192 3.07 -1.28 -4.47
CA LEU A 192 4.18 -0.89 -5.35
C LEU A 192 4.22 -2.11 -6.29
N VAL A 193 3.78 -1.94 -7.53
CA VAL A 193 3.70 -3.09 -8.47
C VAL A 193 4.72 -2.89 -9.60
N CYS A 194 5.30 -4.00 -10.06
CA CYS A 194 6.29 -3.95 -11.16
C CYS A 194 5.80 -4.84 -12.32
N LYS A 195 5.99 -4.47 -13.50
CA LYS A 195 5.48 -5.08 -14.74
C LYS A 195 6.61 -5.75 -15.46
N HIS A 196 6.42 -7.04 -15.70
CA HIS A 196 7.43 -7.82 -16.46
C HIS A 196 6.66 -8.84 -17.31
N ASN A 197 7.07 -8.99 -18.56
CA ASN A 197 6.47 -10.05 -19.40
C ASN A 197 4.95 -9.85 -19.49
N GLY A 198 4.50 -8.61 -19.46
CA GLY A 198 3.06 -8.33 -19.62
C GLY A 198 2.31 -8.58 -18.34
N MET A 199 2.99 -9.08 -17.31
CA MET A 199 2.34 -9.42 -16.02
C MET A 199 2.72 -8.41 -14.93
N TRP A 200 1.79 -8.13 -14.03
CA TRP A 200 2.10 -7.23 -12.90
C TRP A 200 2.32 -8.07 -11.64
N ARG A 201 3.28 -7.67 -10.80
CA ARG A 201 3.61 -8.38 -9.58
C ARG A 201 3.67 -7.39 -8.43
N LEU A 202 3.14 -7.82 -7.26
CA LEU A 202 3.22 -6.99 -6.06
C LEU A 202 4.64 -7.08 -5.53
N VAL A 203 5.35 -5.97 -5.45
CA VAL A 203 6.71 -6.03 -4.94
C VAL A 203 6.81 -5.36 -3.57
N GLY A 204 5.99 -4.30 -3.36
CA GLY A 204 6.12 -3.55 -2.14
C GLY A 204 4.76 -3.12 -1.59
N ILE A 205 4.74 -2.80 -0.30
CA ILE A 205 3.61 -2.18 0.39
C ILE A 205 4.07 -0.82 0.94
N THR A 206 3.34 0.25 0.57
CA THR A 206 3.70 1.61 0.96
C THR A 206 3.75 1.71 2.49
N SER A 207 4.89 2.18 3.03
CA SER A 207 5.13 2.06 4.48
C SER A 207 5.48 3.42 5.12
N TRP A 208 6.67 3.96 4.85
CA TRP A 208 7.05 5.22 5.48
C TRP A 208 8.06 5.97 4.64
N GLY A 209 8.31 7.23 5.02
CA GLY A 209 9.24 8.08 4.30
C GLY A 209 9.23 9.47 4.89
N GLU A 210 10.32 10.20 4.70
CA GLU A 210 10.43 11.55 5.25
C GLU A 210 9.81 12.52 4.26
N GLY A 211 8.73 13.18 4.68
CA GLY A 211 8.02 14.07 3.80
C GLY A 211 7.47 13.27 2.60
N CYS A 212 7.34 13.96 1.48
CA CYS A 212 6.84 13.37 0.24
C CYS A 212 7.56 14.01 -0.95
N ALA A 213 8.23 13.19 -1.76
CA ALA A 213 8.85 13.60 -3.00
C ALA A 213 9.99 14.62 -2.77
N ARG A 214 10.57 14.64 -1.59
CA ARG A 214 11.76 15.46 -1.37
C ARG A 214 12.97 14.87 -2.07
N ARG A 215 13.90 15.74 -2.45
CA ARG A 215 15.14 15.27 -3.08
C ARG A 215 15.87 14.38 -2.11
N GLU A 216 16.49 13.32 -2.64
CA GLU A 216 17.31 12.37 -1.91
C GLU A 216 16.65 11.82 -0.64
N GLN A 217 15.34 11.49 -0.71
CA GLN A 217 14.63 10.93 0.43
C GLN A 217 13.64 9.92 -0.18
N PRO A 218 14.12 8.72 -0.53
CA PRO A 218 13.25 7.75 -1.17
C PRO A 218 12.17 7.27 -0.19
N GLY A 219 11.09 6.75 -0.73
CA GLY A 219 10.08 6.11 0.10
C GLY A 219 10.52 4.68 0.44
N VAL A 220 10.02 4.21 1.59
CA VAL A 220 10.28 2.90 2.12
C VAL A 220 8.99 2.09 2.07
N TYR A 221 9.15 0.84 1.57
CA TYR A 221 8.08 -0.09 1.32
C TYR A 221 8.42 -1.40 2.02
N THR A 222 7.40 -2.09 2.52
CA THR A 222 7.58 -3.48 2.91
C THR A 222 7.87 -4.33 1.68
N LYS A 223 8.94 -5.16 1.73
CA LYS A 223 9.32 -6.00 0.59
C LYS A 223 8.52 -7.30 0.66
N VAL A 224 7.53 -7.49 -0.24
CA VAL A 224 6.56 -8.55 -0.08
C VAL A 224 7.22 -9.93 -0.21
N ALA A 225 8.23 -10.04 -1.07
CA ALA A 225 8.85 -11.34 -1.30
C ALA A 225 9.37 -11.88 0.04
N GLU A 226 9.80 -11.00 0.95
CA GLU A 226 10.41 -11.40 2.23
C GLU A 226 9.35 -11.86 3.24
N TYR A 227 8.09 -11.78 2.88
CA TYR A 227 6.98 -12.20 3.79
C TYR A 227 6.11 -13.27 3.15
N MET A 228 6.56 -13.87 2.05
CA MET A 228 5.71 -14.85 1.33
C MET A 228 5.41 -16.10 2.19
N ASP A 229 6.35 -16.54 3.04
CA ASP A 229 6.07 -17.70 3.91
C ASP A 229 4.97 -17.31 4.89
N TRP A 230 5.09 -16.14 5.50
CA TRP A 230 4.07 -15.63 6.40
C TRP A 230 2.71 -15.50 5.71
N ILE A 231 2.68 -14.90 4.51
CA ILE A 231 1.43 -14.73 3.81
C ILE A 231 0.78 -16.09 3.53
N LEU A 232 1.56 -17.06 3.01
CA LEU A 232 0.95 -18.32 2.62
C LEU A 232 0.51 -19.11 3.88
N GLU A 233 1.26 -19.01 4.99
CA GLU A 233 0.84 -19.63 6.25
C GLU A 233 -0.50 -19.06 6.74
N LYS A 234 -0.64 -17.73 6.70
CA LYS A 234 -1.78 -17.08 7.33
C LYS A 234 -3.02 -17.19 6.45
N THR A 235 -2.86 -17.35 5.12
CA THR A 235 -4.01 -17.48 4.22
C THR A 235 -4.36 -18.93 3.92
N GLN A 236 -3.64 -19.90 4.49
CA GLN A 236 -3.96 -21.31 4.28
C GLN A 236 -5.38 -21.62 4.76
N SER A 237 -6.15 -22.30 3.91
CA SER A 237 -7.45 -22.80 4.32
C SER A 237 -7.29 -23.57 5.64
N CYS B 1 3.07 9.39 17.27
CA CYS B 1 3.09 8.96 15.85
C CYS B 1 4.55 8.71 15.43
N PRO B 2 4.85 7.71 14.59
CA PRO B 2 6.23 7.51 14.07
C PRO B 2 6.66 8.77 13.33
N ALA B 3 7.96 9.07 13.34
CA ALA B 3 8.46 10.34 12.75
C ALA B 3 8.13 10.49 11.27
N TYR B 4 8.17 9.39 10.54
CA TYR B 4 7.98 9.44 9.09
C TYR B 4 6.73 8.66 8.67
N SER B 5 5.76 8.64 9.58
CA SER B 5 4.47 8.04 9.37
C SER B 5 3.78 8.63 8.14
O M70 B 6 -0.14 8.46 5.96
C M70 B 6 0.73 8.18 6.79
CA M70 B 6 2.17 8.15 6.35
N M70 B 6 3.07 7.76 7.41
CB M70 B 6 2.21 7.16 5.20
C6 M70 B 6 3.86 7.57 4.39
C7 M70 B 6 4.09 9.00 3.98
C8 M70 B 6 5.47 9.09 3.41
N9 M70 B 6 5.70 8.14 2.30
C12 M70 B 6 6.52 8.44 1.29
N14 M70 B 6 7.05 9.68 1.19
N13 M70 B 6 6.84 7.48 0.46
C10 M70 B 6 5.18 6.77 2.48
C11 M70 B 6 3.83 6.69 3.15
N TYR B 7 0.48 7.77 8.04
CA TYR B 7 -0.89 7.72 8.51
C TYR B 7 -1.53 9.10 8.44
N LEU B 8 -2.72 9.13 7.85
CA LEU B 8 -3.37 10.41 7.55
C LEU B 8 -3.43 11.32 8.76
N ASP B 9 -3.80 10.77 9.93
CA ASP B 9 -4.07 11.55 11.13
C ASP B 9 -2.76 11.92 11.83
N CYS B 10 -1.64 11.31 11.40
CA CYS B 10 -0.33 11.77 11.82
C CYS B 10 0.03 13.03 11.00
#